data_5HH5
#
_entry.id   5HH5
#
_cell.length_a   105.256
_cell.length_b   105.256
_cell.length_c   98.573
_cell.angle_alpha   90.00
_cell.angle_beta   90.00
_cell.angle_gamma   120.00
#
_symmetry.space_group_name_H-M   'P 64 2 2'
#
loop_
_entity.id
_entity.type
_entity.pdbx_description
1 polymer 'Metallo-beta-lactamase L1'
2 non-polymer 'ZINC ION'
3 non-polymer 'SULFATE ION'
4 non-polymer GLYCEROL
5 non-polymer '6-(phosphonomethyl)pyridine-2-carboxylic acid'
6 water water
#
_entity_poly.entity_id   1
_entity_poly.type   'polypeptide(L)'
_entity_poly.pdbx_seq_one_letter_code
;GPAEVPLPQLRAYTVDASWLQPMAPLQIADHTWQIGTEDLTALLVQTPDGAVLLDGGMPQMASHLLDNMKARGVTPRDLR
LILLSHAHADHAGPVAELKRRTGAKVAANAESAVLLARGGSDDLHFGDGITYPPANADRIVMDGEVITVGGIVFTAHFMA
GHTPGSTAWTWTDTRNGKPVRIAYADSLSAPGYQLQGNPRYPHLIEDYRRSFATVRALPCDVLLTPHPGASNWDYAAGAR
AGAKALTCKAYADAAEQKFDGQLAKETAGAR
;
_entity_poly.pdbx_strand_id   A
#
loop_
_chem_comp.id
_chem_comp.type
_chem_comp.name
_chem_comp.formula
60M non-polymer '6-(phosphonomethyl)pyridine-2-carboxylic acid' 'C7 H8 N O5 P'
GOL non-polymer GLYCEROL 'C3 H8 O3'
SO4 non-polymer 'SULFATE ION' 'O4 S -2'
ZN non-polymer 'ZINC ION' 'Zn 2'
#
# COMPACT_ATOMS: atom_id res chain seq x y z
N GLU A 4 5.36 -28.94 -33.81
CA GLU A 4 4.12 -28.35 -33.31
C GLU A 4 4.30 -27.77 -31.91
N VAL A 5 3.34 -26.95 -31.50
CA VAL A 5 3.61 -25.96 -30.47
C VAL A 5 2.65 -25.98 -29.30
N PRO A 6 3.17 -26.27 -28.10
CA PRO A 6 2.31 -26.30 -26.93
C PRO A 6 1.93 -24.88 -26.48
N LEU A 7 0.85 -24.76 -25.73
CA LEU A 7 0.54 -23.47 -25.11
C LEU A 7 1.70 -23.08 -24.21
N PRO A 8 1.90 -21.77 -24.00
CA PRO A 8 3.01 -21.30 -23.18
C PRO A 8 2.86 -21.71 -21.71
N GLN A 9 3.98 -21.90 -21.02
CA GLN A 9 3.93 -22.19 -19.59
C GLN A 9 3.42 -20.96 -18.87
N LEU A 10 2.81 -21.15 -17.71
CA LEU A 10 2.47 -20.02 -16.87
C LEU A 10 3.75 -19.28 -16.47
N ARG A 11 3.65 -17.95 -16.40
CA ARG A 11 4.80 -17.13 -16.03
C ARG A 11 4.61 -16.54 -14.65
N ALA A 12 5.58 -16.77 -13.77
CA ALA A 12 5.51 -16.24 -12.42
C ALA A 12 5.70 -14.73 -12.39
N TYR A 13 5.08 -14.09 -11.42
CA TYR A 13 5.26 -12.67 -11.17
C TYR A 13 6.61 -12.44 -10.51
N THR A 14 7.59 -12.02 -11.29
CA THR A 14 8.94 -11.78 -10.76
C THR A 14 9.20 -10.28 -10.65
N VAL A 15 10.00 -9.90 -9.66
CA VAL A 15 10.23 -8.49 -9.37
C VAL A 15 11.72 -8.23 -9.13
N ASP A 16 12.10 -6.96 -9.12
CA ASP A 16 13.47 -6.56 -8.80
C ASP A 16 13.89 -7.17 -7.48
N ALA A 17 15.16 -7.59 -7.41
CA ALA A 17 15.67 -8.23 -6.21
C ALA A 17 15.48 -7.37 -4.96
N SER A 18 15.58 -6.05 -5.09
CA SER A 18 15.51 -5.18 -3.92
C SER A 18 14.11 -5.20 -3.31
N TRP A 19 13.11 -5.53 -4.13
CA TRP A 19 11.74 -5.64 -3.64
C TRP A 19 11.60 -6.79 -2.65
N LEU A 20 12.54 -7.73 -2.74
CA LEU A 20 12.48 -8.96 -1.96
C LEU A 20 13.62 -9.03 -0.95
N GLN A 21 14.33 -7.92 -0.76
CA GLN A 21 15.48 -7.91 0.16
C GLN A 21 15.04 -7.58 1.59
N PRO A 22 15.08 -8.57 2.49
CA PRO A 22 14.62 -8.33 3.86
C PRO A 22 15.45 -7.25 4.56
N MET A 23 14.81 -6.50 5.45
CA MET A 23 15.49 -5.51 6.28
C MET A 23 14.98 -5.65 7.71
N ALA A 24 15.80 -5.23 8.67
CA ALA A 24 15.36 -5.17 10.05
C ALA A 24 14.40 -4.00 10.23
N PRO A 25 13.62 -3.98 11.32
CA PRO A 25 12.66 -2.89 11.53
C PRO A 25 13.32 -1.51 11.60
N LEU A 26 12.73 -0.57 10.86
CA LEU A 26 13.20 0.82 10.82
C LEU A 26 12.14 1.72 11.44
N GLN A 27 12.49 2.43 12.51
CA GLN A 27 11.48 3.25 13.19
C GLN A 27 11.18 4.55 12.44
N ILE A 28 9.89 4.84 12.27
CA ILE A 28 9.43 6.06 11.60
C ILE A 28 8.98 7.09 12.63
N ALA A 29 8.20 6.63 13.60
CA ALA A 29 7.79 7.46 14.73
C ALA A 29 7.66 6.59 15.98
N ASP A 30 7.15 7.15 17.07
CA ASP A 30 7.17 6.45 18.36
C ASP A 30 6.51 5.06 18.30
N HIS A 31 5.48 4.86 17.51
CA HIS A 31 4.85 3.55 17.45
C HIS A 31 4.77 2.97 16.07
N THR A 32 5.44 3.58 15.14
CA THR A 32 5.32 3.20 13.73
C THR A 32 6.66 2.74 13.16
N TRP A 33 6.67 1.55 12.56
CA TRP A 33 7.90 0.95 12.03
C TRP A 33 7.74 0.42 10.61
N GLN A 34 8.78 0.58 9.79
CA GLN A 34 8.85 -0.11 8.51
C GLN A 34 9.44 -1.50 8.77
N ILE A 35 8.71 -2.55 8.39
CA ILE A 35 9.17 -3.91 8.68
C ILE A 35 9.15 -4.81 7.44
N GLY A 36 9.00 -4.19 6.27
CA GLY A 36 8.98 -4.94 5.03
C GLY A 36 10.36 -5.18 4.46
N THR A 37 10.52 -4.92 3.16
CA THR A 37 11.81 -5.11 2.50
C THR A 37 12.39 -3.76 2.11
N GLU A 38 13.57 -3.78 1.48
CA GLU A 38 14.22 -2.52 1.12
C GLU A 38 13.33 -1.68 0.21
N ASP A 39 12.60 -2.32 -0.71
CA ASP A 39 11.81 -1.53 -1.66
C ASP A 39 10.31 -1.82 -1.65
N LEU A 40 9.81 -2.50 -0.62
CA LEU A 40 8.36 -2.59 -0.42
C LEU A 40 7.99 -2.25 1.02
N THR A 41 7.08 -1.29 1.17
CA THR A 41 6.65 -0.83 2.48
C THR A 41 5.69 -1.81 3.13
N ALA A 42 5.91 -2.09 4.41
CA ALA A 42 4.93 -2.76 5.26
C ALA A 42 5.07 -2.16 6.63
N LEU A 43 4.05 -1.41 7.04
CA LEU A 43 4.15 -0.62 8.25
C LEU A 43 3.49 -1.33 9.41
N LEU A 44 4.22 -1.41 10.51
CA LEU A 44 3.69 -1.92 11.77
C LEU A 44 3.43 -0.75 12.71
N VAL A 45 2.20 -0.64 13.19
CA VAL A 45 1.87 0.36 14.20
C VAL A 45 1.54 -0.39 15.49
N GLN A 46 2.33 -0.15 16.54
CA GLN A 46 2.16 -0.87 17.82
C GLN A 46 1.46 -0.01 18.86
N THR A 47 0.40 -0.57 19.44
CA THR A 47 -0.38 0.15 20.44
C THR A 47 -0.45 -0.67 21.72
N PRO A 48 -0.86 -0.03 22.83
CA PRO A 48 -0.99 -0.76 24.10
C PRO A 48 -2.10 -1.81 24.01
N ASP A 49 -2.83 -1.78 22.90
CA ASP A 49 -3.97 -2.65 22.65
C ASP A 49 -3.93 -3.41 21.33
N GLY A 50 -2.76 -3.90 21.01
CA GLY A 50 -2.61 -4.67 19.79
C GLY A 50 -1.89 -3.92 18.68
N ALA A 51 -1.54 -4.64 17.61
CA ALA A 51 -0.80 -4.04 16.51
C ALA A 51 -1.61 -4.00 15.21
N VAL A 52 -1.27 -3.04 14.37
CA VAL A 52 -1.87 -2.89 13.05
C VAL A 52 -0.77 -3.04 12.02
N LEU A 53 -1.05 -3.77 10.95
CA LEU A 53 -0.16 -3.84 9.80
C LEU A 53 -0.80 -3.11 8.61
N LEU A 54 -0.04 -2.21 7.99
CA LEU A 54 -0.49 -1.61 6.75
C LEU A 54 0.35 -2.13 5.60
N ASP A 55 -0.28 -2.92 4.73
CA ASP A 55 0.39 -3.66 3.63
C ASP A 55 1.33 -4.75 4.12
N GLY A 56 1.55 -5.74 3.27
CA GLY A 56 2.44 -6.85 3.59
C GLY A 56 3.47 -7.14 2.51
N GLY A 57 3.38 -6.46 1.38
CA GLY A 57 4.33 -6.69 0.30
C GLY A 57 3.96 -7.89 -0.55
N MET A 58 4.98 -8.67 -0.95
CA MET A 58 4.81 -9.84 -1.81
C MET A 58 4.36 -11.09 -1.05
N PRO A 59 3.83 -12.09 -1.77
CA PRO A 59 3.32 -13.29 -1.08
C PRO A 59 4.39 -14.03 -0.26
N GLN A 60 5.64 -14.01 -0.71
CA GLN A 60 6.65 -14.78 0.01
C GLN A 60 7.22 -14.05 1.24
N MET A 61 6.66 -12.89 1.58
CA MET A 61 7.17 -12.09 2.70
C MET A 61 6.53 -12.40 4.06
N ALA A 62 5.55 -13.30 4.09
CA ALA A 62 4.81 -13.55 5.36
C ALA A 62 5.72 -13.90 6.56
N SER A 63 6.62 -14.86 6.39
CA SER A 63 7.45 -15.29 7.52
C SER A 63 8.41 -14.20 7.97
N HIS A 64 8.95 -13.46 7.01
CA HIS A 64 9.79 -12.32 7.33
C HIS A 64 9.04 -11.28 8.17
N LEU A 65 7.82 -10.95 7.76
CA LEU A 65 6.99 -10.02 8.51
C LEU A 65 6.76 -10.49 9.94
N LEU A 66 6.45 -11.77 10.09
CA LEU A 66 6.25 -12.37 11.41
C LEU A 66 7.53 -12.32 12.25
N ASP A 67 8.68 -12.54 11.62
CA ASP A 67 9.97 -12.41 12.30
C ASP A 67 10.19 -10.99 12.83
N ASN A 68 9.90 -9.99 12.00
CA ASN A 68 10.08 -8.60 12.43
C ASN A 68 9.07 -8.18 13.50
N MET A 69 7.84 -8.68 13.40
CA MET A 69 6.87 -8.42 14.47
C MET A 69 7.39 -8.97 15.80
N LYS A 70 7.92 -10.19 15.75
CA LYS A 70 8.49 -10.85 16.93
C LYS A 70 9.59 -9.99 17.54
N ALA A 71 10.45 -9.44 16.68
CA ALA A 71 11.54 -8.57 17.13
C ALA A 71 11.02 -7.32 17.83
N ARG A 72 9.84 -6.88 17.42
CA ARG A 72 9.21 -5.69 18.00
C ARG A 72 8.40 -5.99 19.26
N GLY A 73 8.25 -7.27 19.58
CA GLY A 73 7.50 -7.68 20.76
C GLY A 73 6.05 -8.02 20.44
N VAL A 74 5.74 -8.17 19.16
CA VAL A 74 4.40 -8.47 18.69
C VAL A 74 4.29 -9.95 18.30
N THR A 75 3.52 -10.72 19.07
CA THR A 75 3.29 -12.12 18.70
C THR A 75 2.14 -12.20 17.71
N PRO A 76 1.97 -13.37 17.07
CA PRO A 76 0.88 -13.55 16.10
C PRO A 76 -0.48 -13.20 16.71
N ARG A 77 -0.68 -13.56 17.97
CA ARG A 77 -1.94 -13.25 18.65
C ARG A 77 -2.15 -11.74 18.77
N ASP A 78 -1.06 -10.97 18.78
CA ASP A 78 -1.11 -9.54 19.05
C ASP A 78 -1.48 -8.70 17.82
N LEU A 79 -1.31 -9.27 16.63
CA LEU A 79 -1.67 -8.54 15.42
C LEU A 79 -3.19 -8.53 15.26
N ARG A 80 -3.80 -7.39 15.38
CA ARG A 80 -5.24 -7.29 15.32
C ARG A 80 -5.88 -6.89 14.00
N LEU A 81 -5.15 -6.11 13.22
CA LEU A 81 -5.74 -5.49 12.04
C LEU A 81 -4.74 -5.39 10.90
N ILE A 82 -5.19 -5.73 9.69
CA ILE A 82 -4.43 -5.47 8.48
C ILE A 82 -5.20 -4.45 7.66
N LEU A 83 -4.52 -3.39 7.24
CA LEU A 83 -5.04 -2.40 6.30
C LEU A 83 -4.24 -2.45 5.02
N LEU A 84 -4.84 -2.02 3.91
CA LEU A 84 -4.17 -2.09 2.61
C LEU A 84 -4.19 -0.78 1.84
N SER A 85 -3.11 -0.51 1.12
CA SER A 85 -3.08 0.60 0.17
C SER A 85 -3.91 0.21 -1.06
N HIS A 86 -3.49 -0.86 -1.73
CA HIS A 86 -4.34 -1.45 -2.77
C HIS A 86 -4.06 -2.95 -2.92
N ALA A 87 -5.01 -3.68 -3.50
CA ALA A 87 -4.99 -5.14 -3.44
C ALA A 87 -4.31 -5.77 -4.65
N HIS A 88 -3.11 -5.30 -4.96
CA HIS A 88 -2.25 -5.98 -5.92
C HIS A 88 -1.28 -6.91 -5.22
N ALA A 89 -0.72 -7.87 -5.97
CA ALA A 89 0.12 -8.93 -5.41
C ALA A 89 1.34 -8.44 -4.64
N ASP A 90 1.87 -7.28 -4.99
CA ASP A 90 3.10 -6.83 -4.33
C ASP A 90 2.83 -5.94 -3.12
N HIS A 91 1.56 -5.83 -2.73
CA HIS A 91 1.24 -5.16 -1.48
C HIS A 91 0.32 -5.98 -0.58
N ALA A 92 -0.57 -6.77 -1.19
CA ALA A 92 -1.49 -7.60 -0.42
C ALA A 92 -1.10 -9.08 -0.49
N GLY A 93 0.04 -9.36 -1.11
CA GLY A 93 0.48 -10.72 -1.36
C GLY A 93 0.31 -11.75 -0.26
N PRO A 94 0.79 -11.43 0.96
CA PRO A 94 0.81 -12.41 2.06
C PRO A 94 -0.41 -12.32 2.99
N VAL A 95 -1.42 -11.54 2.62
CA VAL A 95 -2.55 -11.31 3.51
C VAL A 95 -3.27 -12.60 3.90
N ALA A 96 -3.57 -13.47 2.93
CA ALA A 96 -4.25 -14.72 3.27
C ALA A 96 -3.46 -15.53 4.30
N GLU A 97 -2.16 -15.65 4.08
CA GLU A 97 -1.32 -16.42 4.98
C GLU A 97 -1.21 -15.76 6.35
N LEU A 98 -1.09 -14.43 6.37
CA LEU A 98 -1.03 -13.73 7.65
C LEU A 98 -2.30 -13.96 8.46
N LYS A 99 -3.46 -13.99 7.80
CA LYS A 99 -4.72 -14.23 8.51
C LYS A 99 -4.75 -15.63 9.11
N ARG A 100 -4.21 -16.60 8.39
CA ARG A 100 -4.19 -17.99 8.87
C ARG A 100 -3.27 -18.13 10.07
N ARG A 101 -2.20 -17.33 10.10
CA ARG A 101 -1.13 -17.51 11.09
C ARG A 101 -1.16 -16.50 12.24
N THR A 102 -2.10 -15.55 12.20
CA THR A 102 -2.21 -14.54 13.25
C THR A 102 -3.65 -14.31 13.66
N GLY A 103 -3.85 -13.42 14.63
CA GLY A 103 -5.19 -13.03 15.01
C GLY A 103 -5.80 -11.94 14.12
N ALA A 104 -5.11 -11.58 13.05
CA ALA A 104 -5.44 -10.37 12.30
C ALA A 104 -6.72 -10.47 11.47
N LYS A 105 -7.48 -9.38 11.49
CA LYS A 105 -8.63 -9.24 10.60
C LYS A 105 -8.37 -8.13 9.61
N VAL A 106 -8.97 -8.24 8.43
CA VAL A 106 -8.73 -7.27 7.36
C VAL A 106 -9.86 -6.26 7.26
N ALA A 107 -9.53 -4.97 7.18
CA ALA A 107 -10.51 -3.93 6.89
C ALA A 107 -10.15 -3.28 5.55
N ALA A 108 -11.13 -3.17 4.65
CA ALA A 108 -10.87 -2.59 3.33
C ALA A 108 -12.14 -2.03 2.74
N ASN A 109 -12.02 -1.18 1.71
CA ASN A 109 -13.23 -0.71 1.05
C ASN A 109 -13.76 -1.80 0.12
N ALA A 110 -14.97 -1.61 -0.39
CA ALA A 110 -15.63 -2.62 -1.20
C ALA A 110 -14.82 -3.03 -2.42
N GLU A 111 -14.25 -2.04 -3.11
CA GLU A 111 -13.48 -2.33 -4.31
C GLU A 111 -12.26 -3.16 -3.99
N SER A 112 -11.53 -2.79 -2.94
CA SER A 112 -10.35 -3.57 -2.57
C SER A 112 -10.75 -4.96 -2.09
N ALA A 113 -11.84 -5.05 -1.34
CA ALA A 113 -12.31 -6.34 -0.84
C ALA A 113 -12.64 -7.33 -1.95
N VAL A 114 -13.31 -6.87 -3.02
N VAL A 114 -13.29 -6.89 -3.01
CA VAL A 114 -13.66 -7.82 -4.09
CA VAL A 114 -13.66 -7.74 -4.12
C VAL A 114 -12.42 -8.24 -4.88
C VAL A 114 -12.41 -8.22 -4.87
N LEU A 115 -11.47 -7.33 -5.06
CA LEU A 115 -10.24 -7.70 -5.79
C LEU A 115 -9.40 -8.65 -4.93
N LEU A 116 -9.31 -8.37 -3.63
CA LEU A 116 -8.63 -9.24 -2.69
C LEU A 116 -9.25 -10.64 -2.69
N ALA A 117 -10.59 -10.70 -2.68
CA ALA A 117 -11.30 -11.98 -2.67
C ALA A 117 -11.09 -12.77 -3.96
N ARG A 118 -10.72 -12.08 -5.04
CA ARG A 118 -10.36 -12.72 -6.31
C ARG A 118 -8.89 -13.06 -6.40
N GLY A 119 -8.10 -12.78 -5.35
CA GLY A 119 -6.66 -12.93 -5.41
C GLY A 119 -6.02 -12.14 -6.56
N GLY A 120 -6.62 -10.98 -6.86
CA GLY A 120 -6.06 -10.10 -7.88
C GLY A 120 -6.33 -10.55 -9.30
N SER A 121 -7.12 -11.61 -9.47
CA SER A 121 -7.43 -12.09 -10.81
C SER A 121 -8.45 -11.15 -11.45
N ASP A 122 -8.62 -11.28 -12.77
CA ASP A 122 -9.51 -10.42 -13.57
C ASP A 122 -9.26 -8.94 -13.27
N ASP A 123 -7.99 -8.57 -13.19
CA ASP A 123 -7.60 -7.19 -12.98
C ASP A 123 -8.05 -6.32 -14.17
N LEU A 124 -8.46 -5.08 -13.90
CA LEU A 124 -8.96 -4.22 -15.00
C LEU A 124 -7.91 -4.02 -16.09
N HIS A 125 -6.63 -4.07 -15.72
CA HIS A 125 -5.55 -3.80 -16.66
C HIS A 125 -4.60 -4.98 -16.88
N PHE A 126 -4.40 -5.79 -15.84
CA PHE A 126 -3.42 -6.88 -15.89
C PHE A 126 -4.03 -8.24 -16.22
N GLY A 127 -5.36 -8.31 -16.28
CA GLY A 127 -6.00 -9.61 -16.47
C GLY A 127 -5.69 -10.58 -15.34
N ASP A 128 -5.22 -11.78 -15.70
CA ASP A 128 -4.83 -12.78 -14.70
C ASP A 128 -3.31 -12.87 -14.57
N GLY A 129 -2.61 -11.85 -15.04
CA GLY A 129 -1.16 -11.87 -15.07
C GLY A 129 -0.48 -11.79 -13.72
N ILE A 130 -1.16 -11.18 -12.76
CA ILE A 130 -0.56 -10.96 -11.44
C ILE A 130 -1.56 -11.34 -10.35
N THR A 131 -1.59 -12.63 -10.01
CA THR A 131 -2.51 -13.15 -9.00
C THR A 131 -1.77 -13.54 -7.72
N TYR A 132 -2.53 -13.76 -6.66
CA TYR A 132 -1.95 -14.14 -5.37
C TYR A 132 -3.06 -14.85 -4.56
N PRO A 133 -2.71 -15.43 -3.40
CA PRO A 133 -3.76 -16.16 -2.65
C PRO A 133 -4.90 -15.23 -2.23
N PRO A 134 -6.15 -15.63 -2.53
CA PRO A 134 -7.27 -14.75 -2.16
C PRO A 134 -7.50 -14.69 -0.66
N ALA A 135 -8.08 -13.58 -0.20
CA ALA A 135 -8.44 -13.43 1.21
C ALA A 135 -9.74 -12.66 1.31
N ASN A 136 -10.44 -12.86 2.42
CA ASN A 136 -11.69 -12.18 2.67
C ASN A 136 -11.50 -11.01 3.62
N ALA A 137 -12.22 -9.92 3.36
CA ALA A 137 -12.23 -8.79 4.27
C ALA A 137 -13.22 -9.03 5.41
N ASP A 138 -12.84 -8.63 6.61
CA ASP A 138 -13.69 -8.81 7.78
C ASP A 138 -14.55 -7.60 8.06
N ARG A 139 -14.13 -6.46 7.52
CA ARG A 139 -14.83 -5.21 7.72
C ARG A 139 -14.74 -4.38 6.45
N ILE A 140 -15.87 -3.82 6.02
CA ILE A 140 -15.86 -2.94 4.85
C ILE A 140 -15.88 -1.49 5.32
N VAL A 141 -14.96 -0.67 4.83
CA VAL A 141 -14.94 0.74 5.21
C VAL A 141 -15.36 1.67 4.08
N MET A 142 -15.91 2.81 4.49
CA MET A 142 -16.40 3.84 3.60
C MET A 142 -15.40 4.99 3.60
N ASP A 143 -15.48 5.86 2.60
CA ASP A 143 -14.53 6.98 2.50
C ASP A 143 -14.64 7.89 3.73
N GLY A 144 -13.51 8.19 4.36
CA GLY A 144 -13.50 9.07 5.51
C GLY A 144 -13.76 8.37 6.83
N GLU A 145 -14.03 7.06 6.78
CA GLU A 145 -14.33 6.30 7.99
C GLU A 145 -13.07 6.09 8.83
N VAL A 146 -13.24 6.02 10.15
CA VAL A 146 -12.11 5.82 11.05
C VAL A 146 -12.12 4.44 11.68
N ILE A 147 -10.93 3.92 11.95
CA ILE A 147 -10.77 2.70 12.72
C ILE A 147 -9.79 2.97 13.84
N THR A 148 -10.13 2.54 15.05
CA THR A 148 -9.31 2.83 16.24
C THR A 148 -8.74 1.57 16.88
N VAL A 149 -7.43 1.56 17.08
CA VAL A 149 -6.76 0.43 17.72
C VAL A 149 -5.84 0.97 18.79
N GLY A 150 -5.99 0.46 20.00
CA GLY A 150 -5.15 0.86 21.12
C GLY A 150 -5.04 2.37 21.23
N GLY A 151 -6.07 3.07 20.78
CA GLY A 151 -6.11 4.52 20.85
C GLY A 151 -5.49 5.27 19.68
N ILE A 152 -4.91 4.55 18.72
CA ILE A 152 -4.41 5.21 17.52
C ILE A 152 -5.54 5.21 16.48
N VAL A 153 -5.80 6.36 15.89
CA VAL A 153 -6.94 6.51 14.99
C VAL A 153 -6.52 6.56 13.52
N PHE A 154 -6.99 5.59 12.73
CA PHE A 154 -6.67 5.54 11.32
C PHE A 154 -7.84 6.03 10.48
N THR A 155 -7.58 6.95 9.55
CA THR A 155 -8.64 7.46 8.68
C THR A 155 -8.41 7.05 7.23
N ALA A 156 -9.47 6.53 6.61
CA ALA A 156 -9.42 6.13 5.21
C ALA A 156 -9.70 7.32 4.28
N HIS A 157 -8.85 7.50 3.26
CA HIS A 157 -9.08 8.52 2.24
C HIS A 157 -9.05 7.85 0.88
N PHE A 158 -10.20 7.66 0.25
CA PHE A 158 -10.21 6.97 -1.04
C PHE A 158 -9.48 7.80 -2.08
N MET A 159 -8.68 7.13 -2.89
CA MET A 159 -7.94 7.80 -3.96
C MET A 159 -7.85 6.87 -5.17
N ALA A 160 -9.04 6.57 -5.71
CA ALA A 160 -9.19 5.63 -6.83
C ALA A 160 -8.36 6.03 -8.05
N GLY A 161 -7.85 5.04 -8.76
CA GLY A 161 -7.14 5.29 -10.00
C GLY A 161 -6.21 4.13 -10.30
N HIS A 162 -5.13 4.03 -9.54
CA HIS A 162 -4.22 2.91 -9.72
C HIS A 162 -4.98 1.58 -9.61
N THR A 163 -5.86 1.49 -8.62
CA THR A 163 -6.93 0.51 -8.61
C THR A 163 -8.18 1.26 -8.19
N PRO A 164 -9.37 0.71 -8.51
CA PRO A 164 -10.61 1.37 -8.08
C PRO A 164 -10.67 1.56 -6.58
N GLY A 165 -10.02 0.67 -5.84
CA GLY A 165 -10.09 0.67 -4.39
C GLY A 165 -8.89 1.30 -3.68
N SER A 166 -8.01 1.92 -4.45
CA SER A 166 -6.83 2.58 -3.86
C SER A 166 -7.20 3.53 -2.74
N THR A 167 -6.47 3.42 -1.63
CA THR A 167 -6.77 4.13 -0.38
C THR A 167 -5.51 4.75 0.22
N ALA A 168 -5.61 5.97 0.74
CA ALA A 168 -4.58 6.54 1.61
C ALA A 168 -5.04 6.37 3.05
N TRP A 169 -4.12 5.97 3.93
CA TRP A 169 -4.43 5.85 5.35
C TRP A 169 -3.66 6.90 6.14
N THR A 170 -4.34 7.65 7.02
CA THR A 170 -3.66 8.67 7.82
C THR A 170 -3.84 8.44 9.32
N TRP A 171 -2.81 8.76 10.08
CA TRP A 171 -2.92 8.68 11.54
C TRP A 171 -1.90 9.60 12.17
N THR A 172 -2.08 9.87 13.46
CA THR A 172 -1.18 10.77 14.17
C THR A 172 -0.39 9.98 15.20
N ASP A 173 0.93 10.03 15.07
CA ASP A 173 1.85 9.41 16.00
C ASP A 173 2.57 10.54 16.73
N THR A 174 3.61 10.20 17.50
CA THR A 174 4.40 11.21 18.17
C THR A 174 5.87 10.99 17.90
N ARG A 175 6.65 12.02 18.09
CA ARG A 175 8.10 11.97 17.97
C ARG A 175 8.60 13.20 18.80
N ASN A 176 9.49 12.97 19.76
CA ASN A 176 10.00 14.05 20.60
C ASN A 176 8.89 14.81 21.33
N GLY A 177 7.84 14.11 21.73
CA GLY A 177 6.76 14.73 22.47
C GLY A 177 5.85 15.58 21.60
N LYS A 178 6.10 15.58 20.29
CA LYS A 178 5.27 16.33 19.36
C LYS A 178 4.50 15.40 18.44
N PRO A 179 3.26 15.78 18.09
CA PRO A 179 2.49 14.96 17.17
C PRO A 179 3.10 14.92 15.77
N VAL A 180 3.01 13.77 15.12
CA VAL A 180 3.47 13.61 13.75
C VAL A 180 2.33 13.01 12.95
N ARG A 181 1.82 13.79 11.98
CA ARG A 181 0.73 13.33 11.14
C ARG A 181 1.29 12.54 9.97
N ILE A 182 1.08 11.23 10.02
CA ILE A 182 1.64 10.33 9.02
C ILE A 182 0.61 10.07 7.94
N ALA A 183 1.00 10.20 6.68
CA ALA A 183 0.11 9.87 5.57
C ALA A 183 0.73 8.76 4.74
N TYR A 184 0.06 7.61 4.71
CA TYR A 184 0.47 6.49 3.87
C TYR A 184 -0.37 6.54 2.60
N ALA A 185 0.16 7.18 1.57
CA ALA A 185 -0.58 7.41 0.33
C ALA A 185 -0.31 6.32 -0.69
N ASP A 186 -1.35 5.87 -1.37
CA ASP A 186 -1.20 4.78 -2.33
C ASP A 186 -0.47 5.25 -3.58
N SER A 187 -0.16 4.32 -4.47
N SER A 187 -0.19 4.31 -4.45
CA SER A 187 0.47 4.60 -5.72
CA SER A 187 0.47 4.59 -5.66
C SER A 187 -0.43 5.49 -6.56
C SER A 187 -0.42 5.45 -6.59
N LEU A 188 0.17 6.34 -7.37
CA LEU A 188 -0.57 7.16 -8.33
C LEU A 188 -0.09 6.89 -9.75
N SER A 189 0.58 5.75 -9.92
CA SER A 189 1.08 5.32 -11.21
C SER A 189 -0.02 4.68 -12.05
N ALA A 190 0.22 4.55 -13.35
CA ALA A 190 -0.70 3.87 -14.25
C ALA A 190 0.09 3.03 -15.27
N PRO A 191 0.87 2.05 -14.77
CA PRO A 191 1.88 1.32 -15.57
C PRO A 191 1.27 0.45 -16.69
N GLY A 192 1.42 0.93 -17.92
CA GLY A 192 0.89 0.24 -19.07
C GLY A 192 -0.62 0.34 -19.26
N TYR A 193 -1.27 1.19 -18.46
CA TYR A 193 -2.72 1.33 -18.52
C TYR A 193 -3.21 2.05 -19.78
N GLN A 194 -4.32 1.59 -20.34
CA GLN A 194 -5.05 2.41 -21.30
C GLN A 194 -5.85 3.44 -20.50
N LEU A 195 -5.53 4.71 -20.67
CA LEU A 195 -6.13 5.75 -19.84
C LEU A 195 -7.44 6.27 -20.43
N GLN A 196 -7.43 6.55 -21.73
CA GLN A 196 -8.59 7.15 -22.38
C GLN A 196 -9.50 6.11 -23.01
N GLY A 197 -10.80 6.25 -22.79
CA GLY A 197 -11.79 5.38 -23.42
C GLY A 197 -11.64 3.93 -23.04
N ASN A 198 -11.20 3.67 -21.82
CA ASN A 198 -11.05 2.31 -21.32
C ASN A 198 -12.42 1.74 -20.96
N PRO A 199 -12.88 0.70 -21.67
CA PRO A 199 -14.23 0.15 -21.43
C PRO A 199 -14.39 -0.45 -20.03
N ARG A 200 -13.30 -0.94 -19.42
CA ARG A 200 -13.35 -1.48 -18.06
C ARG A 200 -13.27 -0.40 -16.98
N TYR A 201 -12.90 0.82 -17.36
CA TYR A 201 -12.76 1.91 -16.38
C TYR A 201 -13.03 3.25 -17.08
N PRO A 202 -14.30 3.49 -17.41
CA PRO A 202 -14.65 4.67 -18.24
C PRO A 202 -14.32 6.02 -17.62
N HIS A 203 -14.37 6.15 -16.29
CA HIS A 203 -14.06 7.42 -15.63
C HIS A 203 -12.67 7.44 -15.02
N LEU A 204 -11.75 6.69 -15.61
CA LEU A 204 -10.41 6.54 -15.04
C LEU A 204 -9.71 7.88 -14.90
N ILE A 205 -9.79 8.72 -15.92
CA ILE A 205 -9.06 9.98 -15.87
C ILE A 205 -9.65 10.91 -14.81
N GLU A 206 -10.96 10.98 -14.74
CA GLU A 206 -11.59 11.80 -13.74
C GLU A 206 -11.19 11.37 -12.31
N ASP A 207 -11.13 10.06 -12.09
CA ASP A 207 -10.76 9.52 -10.78
C ASP A 207 -9.32 9.85 -10.43
N TYR A 208 -8.39 9.68 -11.38
CA TYR A 208 -7.02 10.10 -11.10
C TYR A 208 -6.93 11.58 -10.76
N ARG A 209 -7.58 12.45 -11.54
CA ARG A 209 -7.54 13.89 -11.24
C ARG A 209 -8.03 14.18 -9.83
N ARG A 210 -9.13 13.55 -9.45
CA ARG A 210 -9.68 13.75 -8.12
C ARG A 210 -8.70 13.24 -7.06
N SER A 211 -8.03 12.14 -7.37
CA SER A 211 -7.10 11.55 -6.40
C SER A 211 -5.85 12.41 -6.22
N PHE A 212 -5.37 13.08 -7.27
CA PHE A 212 -4.26 14.02 -7.10
C PHE A 212 -4.63 15.10 -6.07
N ALA A 213 -5.85 15.59 -6.17
CA ALA A 213 -6.32 16.65 -5.28
C ALA A 213 -6.45 16.12 -3.85
N THR A 214 -6.91 14.88 -3.73
CA THR A 214 -7.08 14.27 -2.41
C THR A 214 -5.74 14.14 -1.69
N VAL A 215 -4.76 13.64 -2.43
CA VAL A 215 -3.43 13.41 -1.87
C VAL A 215 -2.78 14.73 -1.49
N ARG A 216 -2.97 15.74 -2.33
CA ARG A 216 -2.41 17.08 -2.11
C ARG A 216 -2.87 17.65 -0.77
N ALA A 217 -4.10 17.33 -0.38
CA ALA A 217 -4.73 17.94 0.78
C ALA A 217 -4.64 17.11 2.06
N LEU A 218 -3.98 15.95 2.03
CA LEU A 218 -3.91 15.09 3.22
C LEU A 218 -3.17 15.75 4.38
N PRO A 219 -3.59 15.45 5.63
CA PRO A 219 -2.75 15.83 6.77
C PRO A 219 -1.45 15.04 6.69
N CYS A 220 -0.31 15.73 6.63
CA CYS A 220 0.89 15.11 6.09
C CYS A 220 2.19 15.75 6.57
N ASP A 221 2.54 15.53 7.83
CA ASP A 221 3.89 15.88 8.31
C ASP A 221 4.93 14.94 7.70
N VAL A 222 4.55 13.67 7.54
CA VAL A 222 5.45 12.67 6.98
C VAL A 222 4.67 11.83 5.97
N LEU A 223 5.16 11.78 4.73
CA LEU A 223 4.56 10.94 3.67
C LEU A 223 5.31 9.63 3.54
N LEU A 224 4.58 8.51 3.50
CA LEU A 224 5.12 7.21 3.11
C LEU A 224 4.31 6.64 1.94
N THR A 225 4.94 5.81 1.10
CA THR A 225 4.26 5.23 -0.05
C THR A 225 4.60 3.74 -0.15
N PRO A 226 3.75 2.95 -0.82
CA PRO A 226 4.00 1.49 -0.90
C PRO A 226 5.33 1.16 -1.55
N HIS A 227 5.73 1.89 -2.59
CA HIS A 227 7.12 1.84 -3.05
C HIS A 227 7.83 3.07 -2.47
N PRO A 228 8.83 2.84 -1.60
CA PRO A 228 9.47 3.99 -0.93
C PRO A 228 10.07 5.00 -1.91
N GLY A 229 10.52 4.53 -3.07
CA GLY A 229 11.13 5.41 -4.04
C GLY A 229 10.18 6.48 -4.54
N ALA A 230 8.88 6.16 -4.57
CA ALA A 230 7.88 7.11 -5.06
C ALA A 230 7.81 8.38 -4.21
N SER A 231 8.15 8.26 -2.92
CA SER A 231 8.11 9.42 -2.04
C SER A 231 9.53 9.81 -1.60
N ASN A 232 10.52 9.26 -2.30
CA ASN A 232 11.94 9.57 -2.05
C ASN A 232 12.46 9.10 -0.69
N TRP A 233 11.86 8.05 -0.16
CA TRP A 233 12.41 7.33 0.98
C TRP A 233 13.51 6.40 0.51
N ASP A 234 14.50 6.19 1.38
CA ASP A 234 15.54 5.19 1.16
C ASP A 234 15.70 4.35 2.42
N TYR A 235 15.04 3.19 2.46
CA TYR A 235 14.98 2.39 3.69
C TYR A 235 16.35 1.84 4.10
N ALA A 236 17.30 1.85 3.18
CA ALA A 236 18.64 1.35 3.49
C ALA A 236 19.56 2.44 4.04
N ALA A 237 19.04 3.66 4.14
CA ALA A 237 19.90 4.81 4.46
C ALA A 237 19.91 5.15 5.94
N GLY A 238 19.39 4.24 6.77
CA GLY A 238 19.47 4.39 8.22
C GLY A 238 18.88 5.66 8.78
N ALA A 239 19.71 6.44 9.48
CA ALA A 239 19.25 7.65 10.15
C ALA A 239 18.75 8.71 9.17
N ARG A 240 19.12 8.56 7.90
N ARG A 240 19.15 8.54 7.90
CA ARG A 240 18.67 9.53 6.91
CA ARG A 240 18.79 9.47 6.83
C ARG A 240 17.74 8.88 5.90
C ARG A 240 17.68 8.92 5.93
N ALA A 241 17.13 7.76 6.28
CA ALA A 241 16.15 7.06 5.42
C ALA A 241 15.05 7.98 4.90
N GLY A 242 14.52 8.82 5.78
CA GLY A 242 13.40 9.68 5.39
C GLY A 242 13.78 11.12 5.11
N ALA A 243 15.07 11.42 5.10
CA ALA A 243 15.52 12.81 4.99
C ALA A 243 15.02 13.48 3.71
N LYS A 244 15.05 12.76 2.60
CA LYS A 244 14.70 13.35 1.29
C LYS A 244 13.24 13.20 0.91
N ALA A 245 12.43 12.68 1.82
CA ALA A 245 11.02 12.39 1.53
C ALA A 245 10.26 13.60 1.00
N LEU A 246 9.42 13.34 0.00
CA LEU A 246 8.53 14.36 -0.56
C LEU A 246 7.44 14.73 0.43
N THR A 247 6.91 15.94 0.28
CA THR A 247 5.63 16.28 0.87
C THR A 247 4.53 15.59 0.08
N CYS A 248 3.33 15.51 0.66
CA CYS A 248 2.18 14.99 -0.09
C CYS A 248 1.89 15.88 -1.31
N LYS A 249 2.09 17.19 -1.17
CA LYS A 249 1.84 18.12 -2.26
C LYS A 249 2.77 17.84 -3.44
N ALA A 250 4.05 17.61 -3.13
CA ALA A 250 5.06 17.37 -4.16
C ALA A 250 4.84 16.01 -4.81
N TYR A 251 4.43 15.03 -4.02
CA TYR A 251 4.16 13.70 -4.53
C TYR A 251 2.99 13.76 -5.51
N ALA A 252 1.94 14.49 -5.12
CA ALA A 252 0.76 14.61 -5.98
C ALA A 252 1.09 15.37 -7.26
N ASP A 253 1.89 16.44 -7.13
CA ASP A 253 2.24 17.23 -8.31
C ASP A 253 3.10 16.42 -9.28
N ALA A 254 4.05 15.65 -8.75
CA ALA A 254 4.90 14.83 -9.60
C ALA A 254 4.06 13.78 -10.32
N ALA A 255 3.13 13.16 -9.58
CA ALA A 255 2.30 12.12 -10.17
C ALA A 255 1.42 12.69 -11.28
N GLU A 256 0.90 13.90 -11.09
CA GLU A 256 0.01 14.49 -12.09
C GLU A 256 0.79 14.89 -13.34
N GLN A 257 2.00 15.40 -13.15
CA GLN A 257 2.84 15.74 -14.30
C GLN A 257 3.20 14.48 -15.09
N LYS A 258 3.54 13.41 -14.40
CA LYS A 258 3.83 12.16 -15.08
C LYS A 258 2.60 11.64 -15.81
N PHE A 259 1.46 11.73 -15.15
CA PHE A 259 0.17 11.29 -15.72
C PHE A 259 -0.16 12.08 -17.00
N ASP A 260 -0.03 13.40 -16.95
CA ASP A 260 -0.27 14.25 -18.12
C ASP A 260 0.64 13.88 -19.29
N GLY A 261 1.89 13.56 -18.98
CA GLY A 261 2.83 13.09 -20.00
C GLY A 261 2.40 11.76 -20.60
N GLN A 262 1.88 10.86 -19.78
CA GLN A 262 1.44 9.56 -20.28
C GLN A 262 0.21 9.73 -21.17
N LEU A 263 -0.69 10.62 -20.78
CA LEU A 263 -1.89 10.89 -21.58
C LEU A 263 -1.50 11.40 -22.96
N ALA A 264 -0.51 12.28 -23.01
CA ALA A 264 -0.07 12.87 -24.28
C ALA A 264 0.60 11.82 -25.16
N LYS A 265 1.36 10.92 -24.53
CA LYS A 265 2.02 9.85 -25.27
C LYS A 265 0.99 8.87 -25.80
N GLU A 266 -0.06 8.63 -25.02
CA GLU A 266 -1.10 7.69 -25.43
C GLU A 266 -1.83 8.20 -26.65
N THR A 267 -2.15 9.49 -26.62
CA THR A 267 -2.76 10.15 -27.78
C THR A 267 -1.87 10.07 -29.01
N ALA A 268 -0.54 10.12 -28.81
CA ALA A 268 0.39 10.04 -29.92
C ALA A 268 0.70 8.61 -30.33
N GLY A 269 0.37 7.66 -29.47
CA GLY A 269 0.76 6.27 -29.67
C GLY A 269 -0.40 5.35 -29.92
ZN ZN B . -0.48 -1.82 -8.01
S SO4 C . -13.76 1.82 15.49
O1 SO4 C . -12.83 0.79 15.08
O2 SO4 C . -14.34 1.44 16.78
O3 SO4 C . -13.09 3.11 15.64
O4 SO4 C . -14.82 1.95 14.48
S SO4 D . 10.62 0.35 21.85
O1 SO4 D . 11.50 -0.83 21.75
O2 SO4 D . 9.24 -0.07 21.64
O3 SO4 D . 10.98 1.34 20.85
O4 SO4 D . 10.78 0.92 23.19
S SO4 E . 15.00 10.59 8.83
O1 SO4 E . 15.06 9.17 8.47
O2 SO4 E . 15.12 10.74 10.28
O3 SO4 E . 16.10 11.30 8.17
O4 SO4 E . 13.72 11.15 8.41
S SO4 F . -4.91 24.96 -2.70
O1 SO4 F . -5.75 23.76 -2.90
O2 SO4 F . -3.59 24.57 -2.17
O3 SO4 F . -5.57 25.89 -1.75
O4 SO4 F . -4.73 25.65 -4.01
C1 GOL G . -9.62 -20.22 4.73
O1 GOL G . -10.10 -19.59 3.56
C2 GOL G . -8.88 -21.52 4.40
O2 GOL G . -7.49 -21.28 4.31
C3 GOL G . -9.22 -22.57 5.45
O3 GOL G . -8.24 -23.59 5.61
H11 GOL G . -8.93 -19.54 5.26
H12 GOL G . -10.45 -20.44 5.40
HO1 GOL G . -10.61 -18.80 3.80
H2 GOL G . -9.25 -21.87 3.43
HO2 GOL G . -7.16 -20.97 5.18
H31 GOL G . -9.36 -22.07 6.41
H32 GOL G . -10.17 -23.04 5.19
HO3 GOL G . -8.51 -24.18 6.33
C13 60M H . 6.56 0.87 -9.04
C14 60M H . 6.34 2.20 -8.57
O01 60M H . 5.46 5.06 -8.37
C02 60M H . 4.76 4.08 -7.95
O03 60M H . 3.81 4.33 -7.12
C04 60M H . 5.00 2.65 -8.44
N05 60M H . 3.94 1.88 -8.72
C06 60M H . 4.11 0.59 -9.18
C07 60M H . 2.93 -0.25 -9.47
P08 60M H . 2.44 -1.38 -7.96
O09 60M H . 2.17 -0.40 -6.84
O10 60M H . 1.23 -2.20 -8.41
O11 60M H . 3.70 -2.20 -7.81
C12 60M H . 5.41 0.06 -9.33
H1 60M H . 7.53 0.48 -9.16
H2 60M H . 7.17 2.80 -8.36
H4 60M H . 2.02 0.31 -9.73
H5 60M H . 3.03 -0.90 -10.35
H8 60M H . 5.58 -0.91 -9.66
#